data_4C53
#
_entry.id   4C53
#
_cell.length_a   98.500
_cell.length_b   98.500
_cell.length_c   78.740
_cell.angle_alpha   90.00
_cell.angle_beta   90.00
_cell.angle_gamma   90.00
#
_symmetry.space_group_name_H-M   'P 41'
#
loop_
_entity.id
_entity.type
_entity.pdbx_description
1 polymer 'PRE-GLYCOPROTEIN POLYPROTEIN GP COMPLEX'
2 branched beta-D-mannopyranose-(1-4)-2-acetamido-2-deoxy-beta-D-glucopyranose-(1-4)-2-acetamido-2-deoxy-beta-D-glucopyranose
3 branched 2-acetamido-2-deoxy-beta-D-glucopyranose-(1-4)-2-acetamido-2-deoxy-beta-D-glucopyranose
4 branched alpha-D-mannopyranose-(1-3)-[alpha-D-mannopyranose-(1-6)]alpha-D-mannopyranose-(1-6)-[alpha-D-mannopyranose-(1-3)]beta-D-mannopyranose-(1-4)-2-acetamido-2-deoxy-beta-D-glucopyranose-(1-4)-2-acetamido-2-deoxy-beta-D-glucopyranose
5 non-polymer 2-acetamido-2-deoxy-beta-D-glucopyranose
#
_entity_poly.entity_id   1
_entity_poly.type   'polypeptide(L)'
_entity_poly.pdbx_seq_one_letter_code
;TGDSEFCDMLRLFDFNKNAIEKLNNQTKTAVNMLTHSINSLISDNLLMRNKLKEVLKVPYCNYTRFWYINHTKSGEHSLP
RCWLVSNGSYLNESDFRNEWILESDHLIAEMLSKEYQDRQGKTPLTLVDGTKHHHHHH
;
_entity_poly.pdbx_strand_id   A,B,C
#
# COMPACT_ATOMS: atom_id res chain seq x y z
N SER A 4 -13.43 23.50 28.87
CA SER A 4 -13.53 24.62 27.93
C SER A 4 -12.51 24.54 26.79
N GLU A 5 -11.36 25.27 26.88
CA GLU A 5 -10.30 25.23 25.87
C GLU A 5 -9.58 23.88 25.97
N PHE A 6 -9.57 23.31 27.18
CA PHE A 6 -9.03 22.00 27.48
C PHE A 6 -9.81 20.93 26.73
N CYS A 7 -11.15 20.99 26.83
CA CYS A 7 -12.04 20.09 26.13
C CYS A 7 -11.91 20.19 24.60
N ASP A 8 -11.74 21.41 24.07
CA ASP A 8 -11.53 21.66 22.65
C ASP A 8 -10.21 21.07 22.16
N MET A 9 -9.14 21.15 22.98
CA MET A 9 -7.82 20.60 22.64
C MET A 9 -7.88 19.06 22.67
N LEU A 10 -8.63 18.48 23.60
CA LEU A 10 -8.80 17.02 23.61
C LEU A 10 -9.50 16.58 22.33
N ARG A 11 -10.50 17.35 21.87
CA ARG A 11 -11.25 17.07 20.63
C ARG A 11 -10.31 17.13 19.41
N LEU A 12 -9.39 18.10 19.37
CA LEU A 12 -8.42 18.22 18.27
C LEU A 12 -7.50 17.00 18.20
N PHE A 13 -7.01 16.56 19.38
CA PHE A 13 -6.17 15.36 19.50
C PHE A 13 -6.97 14.16 19.01
N ASP A 14 -8.23 14.05 19.44
CA ASP A 14 -9.14 12.97 19.09
C ASP A 14 -9.34 12.91 17.57
N PHE A 15 -9.52 14.05 16.90
CA PHE A 15 -9.66 14.10 15.44
C PHE A 15 -8.42 13.49 14.79
N ASN A 16 -7.23 13.93 15.22
CA ASN A 16 -5.97 13.45 14.65
C ASN A 16 -5.81 11.96 14.87
N LYS A 17 -6.11 11.49 16.09
CA LYS A 17 -6.02 10.10 16.44
C LYS A 17 -6.95 9.25 15.60
N ASN A 18 -8.21 9.70 15.41
CA ASN A 18 -9.20 8.99 14.58
C ASN A 18 -8.81 9.00 13.10
N ALA A 19 -8.25 10.14 12.59
CA ALA A 19 -7.80 10.26 11.21
C ALA A 19 -6.70 9.26 10.93
N ILE A 20 -5.77 9.07 11.89
CA ILE A 20 -4.70 8.08 11.75
C ILE A 20 -5.30 6.68 11.75
N GLU A 21 -6.25 6.43 12.66
CA GLU A 21 -6.96 5.16 12.73
C GLU A 21 -7.53 4.81 11.35
N LYS A 22 -8.42 5.69 10.80
CA LYS A 22 -9.08 5.53 9.50
C LYS A 22 -8.05 5.26 8.40
N LEU A 23 -6.94 6.00 8.40
CA LEU A 23 -5.89 5.79 7.42
C LEU A 23 -5.27 4.40 7.60
N ASN A 24 -5.06 3.95 8.84
CA ASN A 24 -4.51 2.64 9.16
C ASN A 24 -5.41 1.57 8.60
N ASN A 25 -6.73 1.68 8.84
CA ASN A 25 -7.75 0.75 8.34
C ASN A 25 -7.68 0.70 6.83
N GLN A 26 -7.68 1.90 6.18
CA GLN A 26 -7.67 2.04 4.72
C GLN A 26 -6.45 1.43 4.11
N THR A 27 -5.27 1.71 4.68
CA THR A 27 -4.01 1.18 4.18
C THR A 27 -3.98 -0.33 4.34
N LYS A 28 -4.43 -0.85 5.48
CA LYS A 28 -4.47 -2.27 5.72
C LYS A 28 -5.33 -2.94 4.66
N THR A 29 -6.54 -2.39 4.38
CA THR A 29 -7.49 -2.90 3.38
C THR A 29 -6.86 -2.91 2.00
N ALA A 30 -6.23 -1.77 1.62
CA ALA A 30 -5.60 -1.60 0.33
C ALA A 30 -4.48 -2.58 0.15
N VAL A 31 -3.55 -2.64 1.11
CA VAL A 31 -2.38 -3.53 1.02
C VAL A 31 -2.77 -4.99 0.98
N ASN A 32 -3.74 -5.38 1.81
CA ASN A 32 -4.21 -6.73 1.87
C ASN A 32 -4.88 -7.16 0.57
N MET A 33 -5.63 -6.25 -0.06
CA MET A 33 -6.32 -6.45 -1.33
C MET A 33 -5.23 -6.62 -2.43
N LEU A 34 -4.23 -5.69 -2.45
CA LEU A 34 -3.10 -5.73 -3.39
C LEU A 34 -2.30 -7.02 -3.23
N THR A 35 -1.95 -7.39 -1.96
CA THR A 35 -1.19 -8.60 -1.60
C THR A 35 -1.88 -9.82 -2.14
N HIS A 36 -3.19 -9.91 -1.92
CA HIS A 36 -3.95 -11.06 -2.37
C HIS A 36 -4.02 -11.21 -3.89
N SER A 37 -4.11 -10.05 -4.58
CA SER A 37 -4.16 -9.97 -6.03
C SER A 37 -2.80 -10.39 -6.63
N ILE A 38 -1.70 -9.87 -6.05
CA ILE A 38 -0.33 -10.21 -6.46
C ILE A 38 -0.05 -11.70 -6.20
N ASN A 39 -0.51 -12.26 -5.07
CA ASN A 39 -0.35 -13.69 -4.80
C ASN A 39 -1.04 -14.56 -5.85
N SER A 40 -2.24 -14.13 -6.30
CA SER A 40 -3.02 -14.80 -7.35
C SER A 40 -2.20 -14.78 -8.70
N LEU A 41 -1.56 -13.65 -9.00
CA LEU A 41 -0.72 -13.52 -10.20
C LEU A 41 0.52 -14.44 -10.13
N ILE A 42 1.12 -14.56 -8.91
CA ILE A 42 2.26 -15.45 -8.68
C ILE A 42 1.83 -16.86 -8.99
N SER A 43 0.71 -17.29 -8.38
CA SER A 43 0.18 -18.64 -8.55
C SER A 43 -0.08 -18.98 -10.02
N ASP A 44 -0.76 -18.07 -10.76
CA ASP A 44 -1.02 -18.27 -12.19
C ASP A 44 0.24 -18.29 -13.05
N ASN A 45 1.21 -17.44 -12.72
CA ASN A 45 2.47 -17.44 -13.46
C ASN A 45 3.26 -18.73 -13.25
N LEU A 46 3.22 -19.28 -12.03
CA LEU A 46 3.86 -20.54 -11.70
C LEU A 46 3.13 -21.69 -12.35
N LEU A 47 1.80 -21.62 -12.44
CA LEU A 47 0.96 -22.62 -13.08
C LEU A 47 1.27 -22.66 -14.57
N MET A 48 1.46 -21.49 -15.22
CA MET A 48 1.83 -21.42 -16.63
C MET A 48 3.17 -22.12 -16.84
N ARG A 49 4.20 -21.70 -16.05
CA ARG A 49 5.57 -22.24 -16.08
C ARG A 49 5.58 -23.78 -15.99
N ASN A 50 4.76 -24.36 -15.09
CA ASN A 50 4.65 -25.81 -14.89
C ASN A 50 3.98 -26.58 -16.03
N LYS A 51 3.25 -25.89 -16.92
CA LYS A 51 2.52 -26.51 -18.03
C LYS A 51 3.14 -26.26 -19.38
N LEU A 52 4.29 -25.58 -19.41
CA LEU A 52 5.01 -25.32 -20.63
C LEU A 52 6.39 -25.98 -20.55
N LYS A 53 6.48 -27.28 -20.92
CA LYS A 53 7.75 -28.01 -20.95
C LYS A 53 8.77 -27.40 -21.92
N GLU A 54 8.33 -26.68 -22.96
CA GLU A 54 9.26 -26.03 -23.90
C GLU A 54 10.10 -24.88 -23.27
N VAL A 55 9.73 -24.49 -22.04
CA VAL A 55 10.42 -23.44 -21.28
C VAL A 55 11.33 -23.99 -20.17
N LEU A 56 11.51 -25.31 -20.13
CA LEU A 56 12.35 -26.03 -19.15
C LEU A 56 13.84 -25.58 -19.16
N LYS A 57 14.32 -25.03 -20.30
CA LYS A 57 15.67 -24.50 -20.57
C LYS A 57 15.99 -23.30 -19.66
N VAL A 58 14.94 -22.54 -19.29
CA VAL A 58 15.06 -21.31 -18.48
C VAL A 58 15.42 -21.60 -17.02
N PRO A 59 16.59 -21.12 -16.54
CA PRO A 59 16.98 -21.42 -15.16
C PRO A 59 16.32 -20.50 -14.14
N TYR A 60 16.33 -20.91 -12.86
CA TYR A 60 15.89 -20.07 -11.76
C TYR A 60 17.06 -19.25 -11.27
N CYS A 61 16.82 -18.01 -10.86
CA CYS A 61 17.87 -17.12 -10.38
C CYS A 61 18.60 -17.63 -9.17
N ASN A 62 19.91 -17.30 -9.13
CA ASN A 62 20.87 -17.55 -8.08
C ASN A 62 20.79 -16.38 -7.08
N TYR A 63 19.54 -16.21 -6.54
CA TYR A 63 18.99 -15.33 -5.50
C TYR A 63 19.78 -14.07 -5.15
N THR A 64 20.30 -14.05 -3.90
CA THR A 64 21.08 -13.05 -3.14
C THR A 64 20.93 -11.60 -3.67
N ARG A 65 22.07 -10.87 -3.87
CA ARG A 65 22.14 -9.48 -4.35
C ARG A 65 22.66 -9.39 -5.82
N PHE A 66 23.20 -8.22 -6.23
CA PHE A 66 23.75 -7.93 -7.57
C PHE A 66 22.75 -7.72 -8.70
N TRP A 67 21.50 -7.31 -8.40
CA TRP A 67 20.54 -7.06 -9.48
C TRP A 67 20.94 -5.84 -10.35
N SER A 78 14.74 -4.73 -17.91
CA SER A 78 16.08 -5.31 -17.82
C SER A 78 16.28 -6.40 -18.86
N LEU A 79 17.51 -6.95 -18.93
CA LEU A 79 17.92 -8.04 -19.82
C LEU A 79 17.19 -9.34 -19.37
N PRO A 80 16.55 -10.09 -20.31
CA PRO A 80 15.83 -11.30 -19.91
C PRO A 80 16.78 -12.45 -19.60
N ARG A 81 16.71 -12.98 -18.35
CA ARG A 81 17.52 -14.08 -17.83
C ARG A 81 17.08 -14.47 -16.44
N CYS A 82 16.85 -15.76 -16.27
CA CYS A 82 16.42 -16.46 -15.06
C CYS A 82 15.14 -16.04 -14.32
N TRP A 83 14.40 -17.03 -13.79
CA TRP A 83 13.15 -16.82 -13.06
C TRP A 83 13.40 -16.18 -11.70
N LEU A 84 12.65 -15.11 -11.39
CA LEU A 84 12.73 -14.44 -10.09
C LEU A 84 11.65 -14.94 -9.13
N VAL A 85 10.45 -15.19 -9.65
CA VAL A 85 9.28 -15.63 -8.89
C VAL A 85 9.33 -17.14 -8.62
N SER A 86 9.20 -17.56 -7.36
CA SER A 86 9.16 -18.97 -6.93
C SER A 86 8.02 -19.15 -5.95
N ASN A 87 7.77 -20.39 -5.45
CA ASN A 87 6.74 -20.57 -4.43
C ASN A 87 7.13 -19.96 -3.05
N GLY A 88 8.32 -19.36 -3.01
CA GLY A 88 8.82 -18.63 -1.86
C GLY A 88 8.56 -17.12 -1.98
N SER A 89 7.99 -16.68 -3.13
CA SER A 89 7.70 -15.26 -3.41
C SER A 89 6.39 -14.75 -2.85
N TYR A 90 5.47 -15.64 -2.42
CA TYR A 90 4.16 -15.23 -1.91
C TYR A 90 4.29 -14.23 -0.78
N LEU A 91 3.47 -13.18 -0.81
CA LEU A 91 3.50 -12.15 0.20
C LEU A 91 2.64 -12.57 1.37
N ASN A 92 3.09 -12.33 2.59
CA ASN A 92 2.24 -12.63 3.72
C ASN A 92 1.34 -11.41 3.94
N GLU A 93 0.18 -11.61 4.60
CA GLU A 93 -0.78 -10.54 4.86
C GLU A 93 -0.16 -9.43 5.69
N SER A 94 -0.54 -8.19 5.41
CA SER A 94 0.03 -7.10 6.15
C SER A 94 -0.79 -6.71 7.36
N ASP A 95 -0.21 -7.02 8.54
CA ASP A 95 -0.73 -6.81 9.88
C ASP A 95 -0.41 -5.38 10.28
N PHE A 96 -1.41 -4.52 10.29
CA PHE A 96 -1.05 -3.16 10.65
C PHE A 96 -1.28 -3.01 12.11
N ARG A 97 -0.17 -2.92 12.86
CA ARG A 97 -0.17 -2.75 14.31
C ARG A 97 -0.81 -1.41 14.66
N ASN A 98 -1.64 -1.43 15.71
CA ASN A 98 -2.40 -0.28 16.22
C ASN A 98 -1.88 0.08 17.63
N GLU A 99 -0.59 -0.22 17.91
CA GLU A 99 0.06 -0.05 19.20
C GLU A 99 -0.14 1.34 19.76
N TRP A 100 0.19 2.35 18.94
CA TRP A 100 0.09 3.71 19.42
C TRP A 100 -1.30 4.19 19.57
N ILE A 101 -2.18 3.82 18.63
CA ILE A 101 -3.61 4.14 18.66
C ILE A 101 -4.28 3.54 19.91
N LEU A 102 -3.90 2.28 20.24
CA LEU A 102 -4.43 1.62 21.42
C LEU A 102 -3.99 2.32 22.71
N GLU A 103 -2.72 2.76 22.74
CA GLU A 103 -2.18 3.51 23.87
C GLU A 103 -2.88 4.87 23.97
N SER A 104 -3.16 5.56 22.83
CA SER A 104 -3.89 6.84 22.78
C SER A 104 -5.29 6.67 23.36
N ASP A 105 -5.99 5.55 22.99
CA ASP A 105 -7.34 5.22 23.49
C ASP A 105 -7.34 5.06 25.02
N HIS A 106 -6.31 4.40 25.55
CA HIS A 106 -6.12 4.20 26.98
C HIS A 106 -5.83 5.56 27.68
N LEU A 107 -5.05 6.44 27.00
CA LEU A 107 -4.72 7.77 27.49
C LEU A 107 -5.92 8.68 27.52
N ILE A 108 -6.86 8.54 26.57
CA ILE A 108 -8.09 9.32 26.55
C ILE A 108 -8.97 8.98 27.78
N ALA A 109 -9.16 7.66 28.05
CA ALA A 109 -9.92 7.17 29.21
C ALA A 109 -9.36 7.76 30.51
N GLU A 110 -8.01 7.82 30.62
CA GLU A 110 -7.27 8.39 31.76
C GLU A 110 -7.50 9.90 31.85
N MET A 111 -7.40 10.63 30.71
CA MET A 111 -7.58 12.09 30.63
C MET A 111 -8.94 12.50 31.13
N LEU A 112 -9.94 11.68 30.83
CA LEU A 112 -11.33 11.92 31.18
C LEU A 112 -11.60 11.70 32.66
N SER A 113 -10.80 10.83 33.30
CA SER A 113 -10.89 10.47 34.71
C SER A 113 -10.37 11.65 35.56
N LYS A 114 -9.53 12.54 34.97
CA LYS A 114 -8.97 13.75 35.59
C LYS A 114 -10.07 14.81 35.79
N SER B 4 -1.60 32.26 25.37
CA SER B 4 -0.28 31.67 25.56
C SER B 4 -0.36 30.15 25.62
N GLU B 5 0.69 29.46 25.10
CA GLU B 5 0.85 27.98 25.12
C GLU B 5 -0.24 27.28 24.33
N PHE B 6 -1.43 27.90 24.31
CA PHE B 6 -2.59 27.49 23.56
C PHE B 6 -2.28 27.55 22.07
N CYS B 7 -1.72 28.67 21.60
CA CYS B 7 -1.30 28.86 20.22
C CYS B 7 -0.23 27.84 19.79
N ASP B 8 0.74 27.53 20.69
CA ASP B 8 1.78 26.52 20.45
C ASP B 8 1.19 25.11 20.31
N MET B 9 0.17 24.79 21.11
CA MET B 9 -0.51 23.50 21.07
C MET B 9 -1.34 23.37 19.79
N LEU B 10 -1.97 24.46 19.33
CA LEU B 10 -2.68 24.44 18.05
C LEU B 10 -1.70 24.16 16.92
N ARG B 11 -0.49 24.75 16.97
CA ARG B 11 0.57 24.53 15.99
C ARG B 11 1.02 23.05 15.96
N LEU B 12 1.15 22.42 17.15
CA LEU B 12 1.53 21.02 17.27
C LEU B 12 0.49 20.12 16.62
N PHE B 13 -0.79 20.41 16.86
CA PHE B 13 -1.91 19.68 16.27
C PHE B 13 -1.84 19.85 14.76
N ASP B 14 -1.60 21.08 14.29
CA ASP B 14 -1.51 21.41 12.86
C ASP B 14 -0.41 20.61 12.20
N PHE B 15 0.79 20.49 12.84
CA PHE B 15 1.89 19.69 12.29
C PHE B 15 1.43 18.24 12.10
N ASN B 16 0.82 17.64 13.14
CA ASN B 16 0.38 16.26 13.09
C ASN B 16 -0.66 16.06 12.03
N LYS B 17 -1.63 16.98 11.94
CA LYS B 17 -2.70 16.95 10.95
C LYS B 17 -2.11 17.02 9.54
N ASN B 18 -1.17 17.94 9.29
CA ASN B 18 -0.52 18.08 7.97
C ASN B 18 0.31 16.84 7.61
N ALA B 19 1.01 16.25 8.60
CA ALA B 19 1.82 15.06 8.40
C ALA B 19 0.92 13.90 8.00
N ILE B 20 -0.26 13.78 8.63
CA ILE B 20 -1.20 12.71 8.28
C ILE B 20 -1.72 12.94 6.88
N GLU B 21 -2.02 14.20 6.52
CA GLU B 21 -2.53 14.55 5.18
C GLU B 21 -1.55 14.19 4.07
N LYS B 22 -0.26 14.52 4.28
CA LYS B 22 0.82 14.18 3.37
C LYS B 22 0.98 12.67 3.27
N LEU B 23 0.93 11.95 4.40
CA LEU B 23 1.01 10.49 4.37
C LEU B 23 -0.19 9.89 3.60
N ASN B 24 -1.41 10.45 3.79
CA ASN B 24 -2.61 10.00 3.09
C ASN B 24 -2.42 10.17 1.59
N ASN B 25 -1.94 11.34 1.17
CA ASN B 25 -1.66 11.63 -0.22
C ASN B 25 -0.64 10.64 -0.78
N GLN B 26 0.47 10.42 -0.03
CA GLN B 26 1.55 9.53 -0.45
C GLN B 26 1.07 8.12 -0.61
N THR B 27 0.31 7.62 0.37
CA THR B 27 -0.21 6.24 0.32
C THR B 27 -1.18 6.09 -0.83
N LYS B 28 -2.06 7.10 -1.06
CA LYS B 28 -2.99 7.08 -2.16
C LYS B 28 -2.24 6.99 -3.46
N THR B 29 -1.19 7.81 -3.66
CA THR B 29 -0.34 7.83 -4.87
C THR B 29 0.32 6.48 -5.09
N ALA B 30 0.91 5.92 -4.02
CA ALA B 30 1.58 4.64 -4.06
C ALA B 30 0.62 3.53 -4.44
N VAL B 31 -0.52 3.44 -3.75
CA VAL B 31 -1.48 2.37 -3.99
C VAL B 31 -2.06 2.42 -5.38
N ASN B 32 -2.39 3.61 -5.82
CA ASN B 32 -2.94 3.81 -7.16
C ASN B 32 -1.95 3.44 -8.25
N MET B 33 -0.66 3.74 -8.04
CA MET B 33 0.43 3.41 -8.95
C MET B 33 0.60 1.87 -9.00
N LEU B 34 0.64 1.23 -7.80
CA LEU B 34 0.74 -0.21 -7.67
C LEU B 34 -0.45 -0.88 -8.33
N THR B 35 -1.68 -0.41 -8.06
CA THR B 35 -2.95 -0.91 -8.62
C THR B 35 -2.91 -0.91 -10.12
N HIS B 36 -2.49 0.22 -10.71
CA HIS B 36 -2.43 0.33 -12.16
C HIS B 36 -1.43 -0.59 -12.84
N SER B 37 -0.31 -0.78 -12.16
CA SER B 37 0.75 -1.68 -12.61
C SER B 37 0.29 -3.16 -12.54
N ILE B 38 -0.36 -3.53 -11.41
CA ILE B 38 -0.93 -4.87 -11.19
C ILE B 38 -2.04 -5.16 -12.20
N ASN B 39 -2.90 -4.17 -12.48
CA ASN B 39 -3.96 -4.34 -13.50
C ASN B 39 -3.37 -4.61 -14.90
N SER B 40 -2.24 -3.95 -15.24
CA SER B 40 -1.52 -4.14 -16.51
C SER B 40 -0.97 -5.60 -16.57
N LEU B 41 -0.45 -6.12 -15.44
CA LEU B 41 0.04 -7.52 -15.34
C LEU B 41 -1.11 -8.52 -15.53
N ILE B 42 -2.29 -8.22 -14.95
CA ILE B 42 -3.48 -9.06 -15.07
C ILE B 42 -3.83 -9.13 -16.54
N SER B 43 -3.94 -7.97 -17.20
CA SER B 43 -4.32 -7.87 -18.60
C SER B 43 -3.37 -8.68 -19.49
N ASP B 44 -2.05 -8.52 -19.32
CA ASP B 44 -1.05 -9.25 -20.09
C ASP B 44 -1.09 -10.76 -19.83
N ASN B 45 -1.30 -11.16 -18.57
CA ASN B 45 -1.38 -12.56 -18.24
C ASN B 45 -2.60 -13.23 -18.90
N LEU B 46 -3.72 -12.49 -18.96
CA LEU B 46 -4.96 -12.95 -19.59
C LEU B 46 -4.79 -13.00 -21.08
N LEU B 47 -4.06 -12.04 -21.66
CA LEU B 47 -3.78 -11.97 -23.08
C LEU B 47 -2.91 -13.16 -23.50
N MET B 48 -1.91 -13.52 -22.67
CA MET B 48 -1.05 -14.68 -22.91
C MET B 48 -1.88 -15.92 -22.96
N ARG B 49 -2.66 -16.15 -21.91
CA ARG B 49 -3.54 -17.29 -21.73
C ARG B 49 -4.48 -17.51 -22.93
N ASN B 50 -5.06 -16.42 -23.47
CA ASN B 50 -5.96 -16.45 -24.63
C ASN B 50 -5.31 -16.78 -25.95
N LYS B 51 -3.97 -16.67 -26.04
CA LYS B 51 -3.21 -16.91 -27.27
C LYS B 51 -2.39 -18.19 -27.26
N LEU B 52 -2.44 -18.91 -26.16
CA LEU B 52 -1.76 -20.18 -25.98
C LEU B 52 -2.93 -21.07 -25.61
N LYS B 53 -3.93 -21.11 -26.50
CA LYS B 53 -5.12 -21.94 -26.31
C LYS B 53 -4.82 -23.45 -26.06
N GLU B 54 -3.63 -23.97 -26.48
CA GLU B 54 -3.20 -25.35 -26.20
C GLU B 54 -2.79 -25.57 -24.75
N VAL B 55 -2.83 -24.51 -23.93
CA VAL B 55 -2.54 -24.54 -22.48
C VAL B 55 -3.90 -24.46 -21.69
N LEU B 56 -5.03 -24.34 -22.44
CA LEU B 56 -6.35 -24.24 -21.83
C LEU B 56 -7.02 -25.57 -21.48
N LYS B 57 -6.19 -26.59 -21.19
CA LYS B 57 -6.53 -27.88 -20.59
C LYS B 57 -6.61 -27.53 -19.09
N VAL B 58 -6.01 -26.37 -18.72
CA VAL B 58 -5.98 -25.84 -17.37
C VAL B 58 -7.34 -25.21 -17.02
N PRO B 59 -7.99 -25.69 -15.95
CA PRO B 59 -9.30 -25.13 -15.59
C PRO B 59 -9.20 -23.87 -14.75
N TYR B 60 -10.29 -23.09 -14.67
CA TYR B 60 -10.41 -21.94 -13.80
C TYR B 60 -10.88 -22.38 -12.43
N CYS B 61 -10.39 -21.72 -11.38
CA CYS B 61 -10.79 -22.02 -10.01
C CYS B 61 -12.26 -21.87 -9.79
N ASN B 62 -12.86 -22.94 -9.31
CA ASN B 62 -14.27 -23.10 -9.05
C ASN B 62 -14.63 -22.33 -7.81
N TYR B 63 -14.79 -21.00 -7.97
CA TYR B 63 -15.03 -19.93 -6.98
C TYR B 63 -14.80 -20.19 -5.47
N THR B 64 -15.01 -21.43 -5.00
CA THR B 64 -14.79 -21.91 -3.63
C THR B 64 -13.26 -21.92 -3.43
N ARG B 65 -12.53 -22.47 -4.41
CA ARG B 65 -11.06 -22.50 -4.48
C ARG B 65 -10.53 -21.06 -4.46
N PHE B 66 -11.06 -20.22 -5.37
CA PHE B 66 -10.72 -18.80 -5.55
C PHE B 66 -11.00 -17.98 -4.29
N TRP B 67 -12.18 -18.15 -3.64
CA TRP B 67 -12.52 -17.41 -2.42
C TRP B 67 -11.53 -17.77 -1.31
N TYR B 68 -11.22 -19.07 -1.18
CA TYR B 68 -10.30 -19.54 -0.17
C TYR B 68 -8.90 -18.98 -0.38
N ILE B 69 -8.39 -19.04 -1.61
CA ILE B 69 -7.07 -18.48 -1.91
C ILE B 69 -6.94 -16.99 -1.52
N ASN B 70 -8.04 -16.21 -1.70
CA ASN B 70 -8.08 -14.79 -1.35
C ASN B 70 -8.40 -14.54 0.13
N HIS B 71 -8.87 -15.57 0.85
CA HIS B 71 -9.18 -15.48 2.27
C HIS B 71 -8.21 -16.22 3.23
N THR B 72 -7.42 -17.22 2.71
CA THR B 72 -6.35 -17.91 3.47
C THR B 72 -5.33 -16.82 3.88
N LYS B 73 -5.53 -16.22 5.08
CA LYS B 73 -4.72 -15.12 5.64
C LYS B 73 -3.25 -15.49 5.94
N SER B 74 -2.63 -16.22 5.00
CA SER B 74 -1.26 -16.69 5.07
C SER B 74 -0.57 -16.38 3.73
N GLY B 75 0.62 -16.97 3.53
CA GLY B 75 1.39 -16.85 2.29
C GLY B 75 1.00 -17.94 1.31
N GLU B 76 -0.19 -18.52 1.53
CA GLU B 76 -0.91 -19.56 0.80
C GLU B 76 -0.13 -20.78 0.24
N HIS B 77 -0.80 -21.96 0.32
CA HIS B 77 -0.32 -23.26 -0.17
C HIS B 77 -0.24 -23.19 -1.69
N SER B 78 -1.33 -22.70 -2.31
CA SER B 78 -1.58 -22.46 -3.74
C SER B 78 -1.09 -23.48 -4.80
N LEU B 79 0.05 -24.21 -4.55
CA LEU B 79 0.69 -25.19 -5.44
C LEU B 79 -0.17 -25.48 -6.65
N PRO B 80 0.12 -24.75 -7.76
CA PRO B 80 -0.68 -24.83 -8.98
C PRO B 80 -1.76 -25.88 -9.19
N ARG B 81 -3.00 -25.44 -9.40
CA ARG B 81 -4.13 -26.35 -9.64
C ARG B 81 -5.18 -25.87 -10.65
N CYS B 82 -5.47 -24.57 -10.67
CA CYS B 82 -6.45 -23.89 -11.53
C CYS B 82 -6.16 -22.39 -11.55
N TRP B 83 -6.70 -21.65 -12.55
CA TRP B 83 -6.47 -20.20 -12.67
C TRP B 83 -7.19 -19.41 -11.61
N LEU B 84 -6.45 -18.51 -10.94
CA LEU B 84 -7.01 -17.63 -9.93
C LEU B 84 -7.39 -16.28 -10.53
N VAL B 85 -6.58 -15.78 -11.47
CA VAL B 85 -6.80 -14.48 -12.10
C VAL B 85 -7.82 -14.57 -13.24
N SER B 86 -8.87 -13.73 -13.21
CA SER B 86 -9.90 -13.65 -14.24
C SER B 86 -10.12 -12.19 -14.58
N ASN B 87 -11.01 -11.89 -15.55
CA ASN B 87 -11.32 -10.49 -15.86
C ASN B 87 -12.12 -9.80 -14.73
N GLY B 88 -12.40 -10.55 -13.67
CA GLY B 88 -13.04 -10.07 -12.46
C GLY B 88 -12.03 -9.72 -11.37
N SER B 89 -10.74 -9.97 -11.63
CA SER B 89 -9.63 -9.71 -10.69
C SER B 89 -9.10 -8.29 -10.67
N TYR B 90 -9.44 -7.46 -11.68
CA TYR B 90 -8.95 -6.09 -11.76
C TYR B 90 -9.24 -5.31 -10.51
N LEU B 91 -8.27 -4.56 -10.03
CA LEU B 91 -8.41 -3.78 -8.81
C LEU B 91 -9.03 -2.44 -9.16
N ASN B 92 -9.97 -1.97 -8.34
CA ASN B 92 -10.49 -0.63 -8.58
C ASN B 92 -9.54 0.34 -7.89
N GLU B 93 -9.50 1.60 -8.35
CA GLU B 93 -8.61 2.64 -7.82
C GLU B 93 -8.85 2.87 -6.34
N SER B 94 -7.79 3.18 -5.59
CA SER B 94 -7.96 3.40 -4.18
C SER B 94 -8.10 4.86 -3.84
N ASP B 95 -9.26 5.15 -3.27
CA ASP B 95 -9.71 6.47 -2.87
C ASP B 95 -9.58 6.58 -1.36
N PHE B 96 -8.54 7.28 -0.93
CA PHE B 96 -8.33 7.45 0.50
C PHE B 96 -9.24 8.52 1.00
N ARG B 97 -10.06 8.16 2.02
CA ARG B 97 -10.99 9.07 2.68
C ARG B 97 -10.49 9.99 3.82
N ASN B 98 -10.05 11.19 3.36
CA ASN B 98 -9.50 12.36 4.08
C ASN B 98 -10.58 13.00 4.98
N GLU B 99 -11.58 12.18 5.35
CA GLU B 99 -12.77 12.50 6.13
C GLU B 99 -12.40 13.25 7.38
N TRP B 100 -11.49 12.68 8.15
CA TRP B 100 -11.09 13.29 9.39
C TRP B 100 -10.25 14.50 9.22
N ILE B 101 -9.33 14.52 8.21
CA ILE B 101 -8.46 15.67 7.90
C ILE B 101 -9.28 16.91 7.46
N LEU B 102 -10.32 16.65 6.67
CA LEU B 102 -11.21 17.70 6.20
C LEU B 102 -12.03 18.30 7.37
N GLU B 103 -12.46 17.41 8.29
CA GLU B 103 -13.16 17.82 9.50
C GLU B 103 -12.19 18.58 10.41
N SER B 104 -10.87 18.19 10.48
CA SER B 104 -9.81 18.88 11.26
C SER B 104 -9.65 20.31 10.75
N ASP B 105 -9.64 20.51 9.41
CA ASP B 105 -9.54 21.83 8.79
C ASP B 105 -10.71 22.76 9.21
N HIS B 106 -11.92 22.19 9.25
CA HIS B 106 -13.13 22.87 9.68
C HIS B 106 -13.06 23.17 11.19
N LEU B 107 -12.46 22.23 11.99
CA LEU B 107 -12.26 22.38 13.43
C LEU B 107 -11.27 23.47 13.74
N ILE B 108 -10.25 23.66 12.91
CA ILE B 108 -9.28 24.74 13.10
C ILE B 108 -9.96 26.12 12.96
N ALA B 109 -10.76 26.30 11.88
CA ALA B 109 -11.52 27.52 11.62
C ALA B 109 -12.44 27.87 12.82
N GLU B 110 -13.08 26.83 13.43
CA GLU B 110 -13.93 26.94 14.62
C GLU B 110 -13.11 27.31 15.85
N MET B 111 -11.95 26.67 16.07
CA MET B 111 -11.06 26.94 17.20
C MET B 111 -10.62 28.39 17.24
N LEU B 112 -10.41 28.96 16.07
CA LEU B 112 -9.95 30.32 15.89
C LEU B 112 -11.03 31.32 16.17
N SER B 113 -12.30 30.93 15.96
CA SER B 113 -13.50 31.75 16.15
C SER B 113 -13.82 31.83 17.63
N LYS B 114 -13.58 30.69 18.33
CA LYS B 114 -13.77 30.49 19.76
C LYS B 114 -12.62 31.08 20.60
N GLU B 115 -11.97 32.13 20.04
CA GLU B 115 -10.98 32.97 20.66
C GLU B 115 -11.75 34.29 20.95
N TYR B 116 -13.07 34.27 20.62
CA TYR B 116 -14.14 35.29 20.74
C TYR B 116 -13.88 36.40 21.77
N GLN B 117 -13.36 36.04 22.98
CA GLN B 117 -13.06 36.88 24.15
C GLN B 117 -12.87 38.38 23.83
N ASP B 118 -14.03 39.10 23.80
CA ASP B 118 -14.20 40.52 23.47
C ASP B 118 -13.83 40.81 22.00
N PHE C 6 -0.42 20.87 30.62
CA PHE C 6 0.46 21.19 29.50
C PHE C 6 1.31 20.00 29.13
N CYS C 7 1.95 19.39 30.13
CA CYS C 7 2.78 18.20 29.95
C CYS C 7 1.95 17.01 29.43
N ASP C 8 0.71 16.84 29.93
CA ASP C 8 -0.20 15.78 29.47
C ASP C 8 -0.59 15.97 27.99
N MET C 9 -0.82 17.23 27.57
CA MET C 9 -1.19 17.54 26.19
C MET C 9 0.02 17.33 25.27
N LEU C 10 1.25 17.63 25.73
CA LEU C 10 2.44 17.35 24.92
C LEU C 10 2.56 15.85 24.71
N ARG C 11 2.27 15.04 25.76
CA ARG C 11 2.31 13.59 25.69
C ARG C 11 1.29 13.06 24.66
N LEU C 12 0.08 13.64 24.63
CA LEU C 12 -0.96 13.24 23.67
C LEU C 12 -0.52 13.50 22.24
N PHE C 13 0.11 14.68 22.01
CA PHE C 13 0.65 15.07 20.70
C PHE C 13 1.73 14.06 20.33
N ASP C 14 2.62 13.75 21.28
CA ASP C 14 3.73 12.82 21.09
C ASP C 14 3.21 11.44 20.68
N PHE C 15 2.14 10.94 21.32
CA PHE C 15 1.54 9.64 20.96
C PHE C 15 1.10 9.67 19.49
N ASN C 16 0.36 10.73 19.11
CA ASN C 16 -0.15 10.86 17.75
C ASN C 16 0.98 10.92 16.76
N LYS C 17 2.01 11.71 17.09
CA LYS C 17 3.18 11.87 16.24
C LYS C 17 3.93 10.56 16.06
N ASN C 18 4.10 9.77 17.13
CA ASN C 18 4.76 8.47 17.06
C ASN C 18 3.92 7.45 16.30
N ALA C 19 2.57 7.51 16.45
CA ALA C 19 1.65 6.61 15.73
C ALA C 19 1.74 6.86 14.24
N ILE C 20 1.84 8.13 13.85
CA ILE C 20 2.01 8.48 12.43
C ILE C 20 3.35 7.98 11.91
N GLU C 21 4.44 8.15 12.69
CA GLU C 21 5.78 7.66 12.30
C GLU C 21 5.70 6.15 12.01
N LYS C 22 5.19 5.35 13.00
CA LYS C 22 5.05 3.90 12.90
C LYS C 22 4.24 3.53 11.67
N LEU C 23 3.15 4.24 11.40
CA LEU C 23 2.36 3.99 10.21
C LEU C 23 3.17 4.26 8.94
N ASN C 24 3.95 5.35 8.92
CA ASN C 24 4.81 5.70 7.77
C ASN C 24 5.80 4.59 7.52
N ASN C 25 6.45 4.09 8.58
CA ASN C 25 7.41 2.99 8.49
C ASN C 25 6.73 1.76 7.91
N GLN C 26 5.54 1.40 8.47
CA GLN C 26 4.77 0.22 8.07
C GLN C 26 4.37 0.29 6.62
N THR C 27 3.83 1.46 6.19
CA THR C 27 3.40 1.66 4.81
C THR C 27 4.58 1.60 3.86
N LYS C 28 5.71 2.22 4.24
CA LYS C 28 6.91 2.19 3.43
C LYS C 28 7.36 0.77 3.22
N THR C 29 7.41 -0.05 4.31
CA THR C 29 7.81 -1.46 4.28
C THR C 29 6.87 -2.25 3.37
N ALA C 30 5.55 -2.06 3.54
CA ALA C 30 4.54 -2.76 2.78
C ALA C 30 4.67 -2.44 1.30
N VAL C 31 4.69 -1.15 0.96
CA VAL C 31 4.75 -0.74 -0.44
C VAL C 31 6.01 -1.20 -1.14
N ASN C 32 7.13 -1.11 -0.44
CA ASN C 32 8.39 -1.53 -1.01
C ASN C 32 8.49 -3.04 -1.23
N MET C 33 7.86 -3.80 -0.34
CA MET C 33 7.79 -5.25 -0.42
C MET C 33 6.90 -5.61 -1.66
N LEU C 34 5.72 -4.94 -1.76
CA LEU C 34 4.77 -5.12 -2.87
C LEU C 34 5.43 -4.75 -4.18
N THR C 35 6.12 -3.58 -4.26
CA THR C 35 6.83 -3.05 -5.43
C THR C 35 7.87 -4.05 -5.92
N HIS C 36 8.65 -4.62 -4.99
CA HIS C 36 9.66 -5.57 -5.37
C HIS C 36 9.11 -6.90 -5.92
N SER C 37 7.99 -7.32 -5.34
CA SER C 37 7.27 -8.52 -5.75
C SER C 37 6.67 -8.34 -7.17
N ILE C 38 6.04 -7.19 -7.40
CA ILE C 38 5.45 -6.82 -8.69
C ILE C 38 6.54 -6.68 -9.76
N ASN C 39 7.70 -6.09 -9.42
CA ASN C 39 8.81 -6.00 -10.36
C ASN C 39 9.33 -7.38 -10.79
N SER C 40 9.38 -8.33 -9.85
CA SER C 40 9.78 -9.72 -10.11
C SER C 40 8.78 -10.38 -11.11
N LEU C 41 7.47 -10.12 -10.93
CA LEU C 41 6.42 -10.63 -11.83
C LEU C 41 6.57 -10.04 -13.23
N ILE C 42 6.91 -8.73 -13.32
CA ILE C 42 7.13 -8.03 -14.59
C ILE C 42 8.26 -8.74 -15.31
N SER C 43 9.40 -8.93 -14.61
CA SER C 43 10.59 -9.55 -15.18
C SER C 43 10.30 -10.95 -15.73
N ASP C 44 9.63 -11.80 -14.92
CA ASP C 44 9.26 -13.16 -15.34
C ASP C 44 8.29 -13.18 -16.49
N ASN C 45 7.32 -12.25 -16.50
CA ASN C 45 6.35 -12.16 -17.60
C ASN C 45 7.03 -11.79 -18.91
N LEU C 46 8.02 -10.88 -18.84
CA LEU C 46 8.80 -10.44 -20.00
C LEU C 46 9.68 -11.56 -20.49
N LEU C 47 10.26 -12.34 -19.55
CA LEU C 47 11.11 -13.48 -19.84
C LEU C 47 10.30 -14.58 -20.55
N MET C 48 9.07 -14.82 -20.09
CA MET C 48 8.16 -15.79 -20.72
C MET C 48 7.89 -15.38 -22.14
N ARG C 49 7.45 -14.13 -22.33
CA ARG C 49 7.12 -13.53 -23.62
C ARG C 49 8.26 -13.70 -24.65
N ASN C 50 9.50 -13.49 -24.21
CA ASN C 50 10.70 -13.61 -25.05
C ASN C 50 11.07 -15.04 -25.46
N LYS C 51 10.51 -16.04 -24.75
CA LYS C 51 10.81 -17.46 -24.99
C LYS C 51 9.68 -18.24 -25.64
N LEU C 52 8.58 -17.55 -25.92
CA LEU C 52 7.43 -18.12 -26.61
C LEU C 52 7.38 -17.11 -27.74
N LYS C 53 8.58 -16.75 -28.25
CA LYS C 53 8.79 -15.76 -29.29
C LYS C 53 7.95 -15.96 -30.56
N GLU C 54 7.63 -17.20 -30.91
CA GLU C 54 6.81 -17.51 -32.08
C GLU C 54 5.33 -17.12 -31.88
N VAL C 55 4.96 -16.71 -30.65
CA VAL C 55 3.61 -16.24 -30.28
C VAL C 55 3.49 -14.68 -30.29
N LEU C 56 4.60 -13.99 -30.57
CA LEU C 56 4.75 -12.54 -30.66
C LEU C 56 4.15 -11.95 -31.95
N LYS C 57 2.98 -12.52 -32.34
CA LYS C 57 2.08 -12.02 -33.38
C LYS C 57 1.29 -10.92 -32.63
N VAL C 58 1.37 -10.96 -31.27
CA VAL C 58 0.74 -10.01 -30.36
C VAL C 58 1.51 -8.67 -30.35
N PRO C 59 0.84 -7.56 -30.69
CA PRO C 59 1.55 -6.26 -30.68
C PRO C 59 1.61 -5.61 -29.31
N TYR C 60 2.50 -4.63 -29.14
CA TYR C 60 2.59 -3.81 -27.93
C TYR C 60 1.63 -2.64 -28.06
N CYS C 61 1.01 -2.23 -26.94
CA CYS C 61 0.07 -1.11 -26.95
C CYS C 61 0.73 0.19 -27.37
N ASN C 62 1.98 0.37 -26.91
CA ASN C 62 2.83 1.55 -27.07
C ASN C 62 2.31 2.81 -26.36
N TYR C 63 1.43 3.61 -27.03
CA TYR C 63 0.92 4.88 -26.48
C TYR C 63 -0.33 4.79 -25.60
N THR C 64 -1.24 3.82 -25.83
CA THR C 64 -2.49 3.68 -25.07
C THR C 64 -2.30 3.25 -23.62
N ARG C 65 -3.13 3.84 -22.72
CA ARG C 65 -3.18 3.57 -21.27
C ARG C 65 -4.52 2.89 -20.97
N PHE C 66 -5.04 3.02 -19.73
CA PHE C 66 -6.30 2.39 -19.32
C PHE C 66 -7.56 3.23 -19.62
N TRP C 67 -7.66 3.81 -20.84
CA TRP C 67 -8.83 4.60 -21.26
C TRP C 67 -10.07 3.70 -21.23
N TYR C 68 -9.91 2.47 -21.75
CA TYR C 68 -10.97 1.46 -21.82
C TYR C 68 -11.42 0.91 -20.45
N ILE C 69 -12.52 1.48 -19.93
CA ILE C 69 -13.15 1.08 -18.69
C ILE C 69 -13.87 -0.27 -18.87
N PRO C 80 -7.93 -8.42 -23.80
CA PRO C 80 -6.82 -7.54 -24.23
C PRO C 80 -6.44 -7.79 -25.67
N ARG C 81 -5.97 -6.72 -26.34
CA ARG C 81 -5.56 -6.71 -27.74
C ARG C 81 -4.07 -6.46 -27.93
N CYS C 82 -3.37 -5.92 -26.90
CA CYS C 82 -1.94 -5.61 -27.00
C CYS C 82 -1.26 -5.61 -25.63
N TRP C 83 0.09 -5.74 -25.59
CA TRP C 83 0.85 -5.78 -24.33
C TRP C 83 0.91 -4.43 -23.66
N LEU C 84 0.59 -4.43 -22.35
CA LEU C 84 0.66 -3.22 -21.54
C LEU C 84 2.00 -3.15 -20.80
N VAL C 85 2.51 -4.31 -20.30
CA VAL C 85 3.76 -4.39 -19.54
C VAL C 85 4.99 -4.37 -20.48
N SER C 86 5.94 -3.46 -20.23
CA SER C 86 7.20 -3.35 -20.98
C SER C 86 8.34 -3.20 -19.98
N ASN C 87 9.60 -3.12 -20.46
CA ASN C 87 10.72 -2.89 -19.54
C ASN C 87 10.71 -1.45 -18.95
N GLY C 88 9.71 -0.67 -19.35
CA GLY C 88 9.46 0.66 -18.82
C GLY C 88 8.42 0.65 -17.72
N SER C 89 7.83 -0.53 -17.41
CA SER C 89 6.79 -0.70 -16.40
C SER C 89 7.28 -0.89 -14.98
N TYR C 90 8.58 -1.18 -14.80
CA TYR C 90 9.14 -1.41 -13.47
C TYR C 90 8.85 -0.26 -12.53
N LEU C 91 8.45 -0.58 -11.31
CA LEU C 91 8.15 0.45 -10.32
C LEU C 91 9.43 0.86 -9.63
N ASN C 92 9.64 2.18 -9.43
CA ASN C 92 10.82 2.56 -8.66
C ASN C 92 10.41 2.54 -7.20
N GLU C 93 11.37 2.36 -6.27
CA GLU C 93 11.07 2.25 -4.84
C GLU C 93 10.35 3.48 -4.33
N SER C 94 9.32 3.28 -3.51
CA SER C 94 8.51 4.37 -3.02
C SER C 94 9.06 4.82 -1.69
N ASP C 95 9.80 5.93 -1.69
CA ASP C 95 10.42 6.48 -0.50
C ASP C 95 9.50 7.55 0.07
N PHE C 96 8.94 7.27 1.25
CA PHE C 96 7.98 8.14 1.90
C PHE C 96 8.61 9.35 2.57
N ARG C 97 8.04 10.56 2.27
CA ARG C 97 8.42 11.87 2.82
C ARG C 97 7.89 12.19 4.23
N ASN C 98 8.87 12.13 5.14
CA ASN C 98 8.78 12.27 6.58
C ASN C 98 9.08 13.70 7.03
N GLU C 99 8.93 14.66 6.10
CA GLU C 99 9.22 16.08 6.31
C GLU C 99 8.47 16.66 7.49
N TRP C 100 7.17 16.40 7.57
CA TRP C 100 6.43 16.92 8.68
C TRP C 100 6.75 16.26 10.00
N ILE C 101 6.97 14.94 10.01
CA ILE C 101 7.36 14.15 11.19
C ILE C 101 8.72 14.68 11.74
N LEU C 102 9.65 14.96 10.83
CA LEU C 102 10.95 15.50 11.20
C LEU C 102 10.86 16.92 11.80
N GLU C 103 9.95 17.73 11.23
CA GLU C 103 9.68 19.07 11.74
C GLU C 103 9.00 18.96 13.12
N SER C 104 8.08 17.96 13.36
CA SER C 104 7.43 17.71 14.66
C SER C 104 8.49 17.37 15.71
N ASP C 105 9.48 16.52 15.35
CA ASP C 105 10.59 16.13 16.23
C ASP C 105 11.42 17.35 16.66
N HIS C 106 11.68 18.25 15.71
CA HIS C 106 12.41 19.50 15.93
C HIS C 106 11.55 20.44 16.81
N LEU C 107 10.21 20.44 16.62
CA LEU C 107 9.25 21.24 17.40
C LEU C 107 9.18 20.77 18.83
N ILE C 108 9.31 19.45 19.08
CA ILE C 108 9.32 18.90 20.44
C ILE C 108 10.55 19.42 21.21
N ALA C 109 11.75 19.33 20.59
CA ALA C 109 13.01 19.82 21.16
C ALA C 109 12.89 21.30 21.56
N GLU C 110 12.23 22.12 20.70
CA GLU C 110 11.96 23.55 20.92
C GLU C 110 10.99 23.75 22.07
N MET C 111 9.89 22.98 22.12
CA MET C 111 8.85 23.06 23.16
C MET C 111 9.43 22.82 24.55
N LEU C 112 10.42 21.93 24.60
CA LEU C 112 11.08 21.52 25.83
C LEU C 112 12.06 22.58 26.32
N SER C 113 12.59 23.38 25.39
CA SER C 113 13.57 24.43 25.65
C SER C 113 12.91 25.65 26.26
N LYS C 114 11.72 26.08 25.77
CA LYS C 114 11.01 27.27 26.29
C LYS C 114 10.79 27.16 27.80
N GLU C 115 10.99 25.94 28.32
CA GLU C 115 10.94 25.59 29.73
C GLU C 115 12.31 25.99 30.28
N TYR C 116 12.41 27.26 30.69
CA TYR C 116 13.61 27.83 31.29
C TYR C 116 13.32 28.35 32.72
N GLN C 117 12.07 28.12 33.19
CA GLN C 117 11.55 28.48 34.52
C GLN C 117 12.16 27.59 35.61
#